data_5EAK
#
_entry.id   5EAK
#
_cell.length_a   118.739
_cell.length_b   118.739
_cell.length_c   106.592
_cell.angle_alpha   90.00
_cell.angle_beta   90.00
_cell.angle_gamma   120.00
#
_symmetry.space_group_name_H-M   'P 61'
#
loop_
_entity.id
_entity.type
_entity.pdbx_description
1 polymer 'Serine/threonine-protein kinase MARK2'
2 non-polymer N-[(1S,2R)-2-aminocyclohexyl]-4-[6-(1-methyl-1H-pyrazol-4-yl)pyrazolo[1,5-a]pyrimidin-3-yl]thiophene-2-carboxamide
3 water water
#
_entity_poly.entity_id   1
_entity_poly.type   'polypeptide(L)'
_entity_poly.pdbx_seq_one_letter_code
;KLNSATSADEQPHIGNYRLLKTIGKGNFAKVKLARHILTGKEVAVKIIDKTQLNSSSLQKLFREVRIMKVLNHPNIVKLF
EVIETEKTLYLVMEYASGGEVFDYLVAHGRMKEKEARAKFRQIVSAVQYCHQKFIVHRDLKAENLLLDADMNIKIADFGF
SNEFTFGNKLDTFCGSPPYAAPELFQGKKYDGPEVDVWSLGVILYTLVSGSLPFDGQNLKELRERVLRGKYRIPFYMSTD
CENLLKKFLILNPSKRGTLEQIMKDRWMNVGHEDDELKPYVEPLPDYKDPRRTELMVSMGYTREEIQDSLVGQRYNEVMA
TYLLLGYK
;
_entity_poly.pdbx_strand_id   A,B
#
loop_
_chem_comp.id
_chem_comp.type
_chem_comp.name
_chem_comp.formula
24R non-polymer N-[(1S,2R)-2-aminocyclohexyl]-4-[6-(1-methyl-1H-pyrazol-4-yl)pyrazolo[1,5-a]pyrimidin-3-yl]thiophene-2-carboxamide 'C21 H23 N7 O S'
#
# COMPACT_ATOMS: atom_id res chain seq x y z
N GLN A 11 -6.54 -21.94 6.37
CA GLN A 11 -5.97 -20.76 5.71
C GLN A 11 -6.89 -19.54 5.54
N PRO A 12 -8.05 -19.69 4.87
CA PRO A 12 -8.92 -18.53 4.58
C PRO A 12 -9.88 -18.13 5.71
N HIS A 13 -10.36 -16.89 5.67
CA HIS A 13 -11.28 -16.39 6.69
C HIS A 13 -12.75 -16.44 6.23
N ILE A 14 -12.92 -16.39 4.92
CA ILE A 14 -14.23 -16.34 4.29
C ILE A 14 -14.01 -16.66 2.81
N GLY A 15 -14.82 -17.57 2.26
CA GLY A 15 -14.57 -18.06 0.91
C GLY A 15 -13.12 -18.42 0.70
N ASN A 16 -12.53 -17.82 -0.33
CA ASN A 16 -11.14 -18.05 -0.67
C ASN A 16 -10.24 -16.90 -0.23
N TYR A 17 -10.63 -16.21 0.83
CA TYR A 17 -9.93 -14.98 1.14
C TYR A 17 -9.32 -14.98 2.53
N ARG A 18 -8.02 -14.75 2.58
CA ARG A 18 -7.38 -14.48 3.85
C ARG A 18 -7.45 -12.97 4.08
N LEU A 19 -8.19 -12.58 5.11
CA LEU A 19 -8.27 -11.18 5.50
C LEU A 19 -6.90 -10.73 6.01
N LEU A 20 -6.50 -9.50 5.68
CA LEU A 20 -5.16 -9.04 6.03
C LEU A 20 -5.16 -7.83 6.93
N LYS A 21 -6.03 -6.88 6.64
CA LYS A 21 -5.87 -5.57 7.25
C LYS A 21 -7.07 -4.68 6.94
N THR A 22 -7.65 -4.10 7.99
CA THR A 22 -8.70 -3.11 7.80
C THR A 22 -8.11 -1.90 7.04
N ILE A 23 -8.68 -1.57 5.88
CA ILE A 23 -8.23 -0.42 5.10
C ILE A 23 -9.28 0.67 5.04
N GLY A 24 -10.40 0.44 5.72
CA GLY A 24 -11.46 1.42 5.78
C GLY A 24 -12.49 1.02 6.82
N LYS A 25 -12.92 1.97 7.64
CA LYS A 25 -14.00 1.75 8.58
C LYS A 25 -15.10 2.78 8.36
N GLY A 26 -16.33 2.30 8.16
CA GLY A 26 -17.51 3.14 8.15
C GLY A 26 -18.24 2.78 9.43
N ASN A 27 -19.37 3.43 9.70
CA ASN A 27 -20.13 3.05 10.89
C ASN A 27 -20.81 1.70 10.72
N PHE A 28 -21.32 1.43 9.52
CA PHE A 28 -22.06 0.19 9.30
C PHE A 28 -21.38 -0.81 8.37
N ALA A 29 -20.13 -0.53 8.03
CA ALA A 29 -19.38 -1.36 7.13
C ALA A 29 -17.89 -1.19 7.37
N LYS A 30 -17.16 -2.30 7.27
CA LYS A 30 -15.71 -2.36 7.36
C LYS A 30 -15.22 -2.76 5.98
N VAL A 31 -14.08 -2.24 5.55
CA VAL A 31 -13.42 -2.77 4.36
C VAL A 31 -12.06 -3.33 4.71
N LYS A 32 -11.80 -4.55 4.28
CA LYS A 32 -10.54 -5.23 4.56
C LYS A 32 -9.77 -5.46 3.28
N LEU A 33 -8.45 -5.33 3.37
CA LEU A 33 -7.56 -5.82 2.32
C LEU A 33 -7.43 -7.34 2.52
N ALA A 34 -7.44 -8.10 1.44
CA ALA A 34 -7.40 -9.56 1.55
C ALA A 34 -6.70 -10.22 0.35
N ARG A 35 -6.26 -11.46 0.54
CA ARG A 35 -5.62 -12.20 -0.54
C ARG A 35 -6.56 -13.31 -1.03
N HIS A 36 -6.75 -13.38 -2.34
CA HIS A 36 -7.41 -14.54 -2.95
C HIS A 36 -6.37 -15.63 -2.81
N ILE A 37 -6.79 -16.87 -2.57
CA ILE A 37 -5.81 -17.90 -2.26
C ILE A 37 -5.32 -18.66 -3.48
N LEU A 38 -6.25 -18.98 -4.38
CA LEU A 38 -5.95 -19.74 -5.58
C LEU A 38 -5.11 -18.91 -6.55
N THR A 39 -5.18 -17.59 -6.42
CA THR A 39 -4.44 -16.72 -7.34
C THR A 39 -3.46 -15.84 -6.61
N GLY A 40 -3.74 -15.57 -5.34
CA GLY A 40 -2.82 -14.76 -4.57
C GLY A 40 -2.86 -13.29 -4.90
N LYS A 41 -3.92 -12.86 -5.58
CA LYS A 41 -4.15 -11.45 -5.89
C LYS A 41 -4.68 -10.71 -4.66
N GLU A 42 -4.41 -9.41 -4.57
CA GLU A 42 -5.00 -8.61 -3.50
C GLU A 42 -6.39 -8.07 -3.89
N VAL A 43 -7.32 -8.02 -2.93
CA VAL A 43 -8.68 -7.61 -3.21
C VAL A 43 -9.30 -6.87 -2.02
N ALA A 44 -10.29 -6.03 -2.30
CA ALA A 44 -11.01 -5.32 -1.23
C ALA A 44 -12.28 -6.04 -0.83
N VAL A 45 -12.43 -6.33 0.46
CA VAL A 45 -13.63 -6.96 0.97
C VAL A 45 -14.47 -5.99 1.81
N LYS A 46 -15.68 -5.71 1.34
CA LYS A 46 -16.62 -4.91 2.13
C LYS A 46 -17.55 -5.80 2.92
N ILE A 47 -17.51 -5.64 4.23
CA ILE A 47 -18.23 -6.47 5.15
C ILE A 47 -19.30 -5.63 5.84
N ILE A 48 -20.55 -5.96 5.53
CA ILE A 48 -21.68 -5.25 6.10
C ILE A 48 -22.46 -6.12 7.07
N ASP A 49 -22.48 -5.70 8.33
CA ASP A 49 -23.33 -6.32 9.34
C ASP A 49 -24.78 -5.89 9.18
N LYS A 50 -25.59 -6.77 8.61
CA LYS A 50 -26.97 -6.46 8.27
C LYS A 50 -27.87 -6.44 9.49
N THR A 51 -27.37 -6.95 10.60
CA THR A 51 -28.14 -7.03 11.82
C THR A 51 -28.25 -5.65 12.49
N GLN A 52 -27.39 -4.75 12.07
CA GLN A 52 -27.31 -3.40 12.64
C GLN A 52 -28.11 -2.40 11.83
N LEU A 53 -28.57 -2.82 10.65
CA LEU A 53 -29.10 -1.88 9.69
C LEU A 53 -30.59 -1.70 9.81
N ASN A 54 -31.02 -0.45 9.69
CA ASN A 54 -32.43 -0.13 9.61
C ASN A 54 -32.91 -0.22 8.16
N SER A 55 -34.21 -0.02 7.94
CA SER A 55 -34.79 -0.15 6.60
C SER A 55 -34.08 0.62 5.50
N SER A 56 -33.82 1.91 5.72
CA SER A 56 -33.26 2.75 4.67
C SER A 56 -31.86 2.26 4.33
N SER A 57 -31.14 1.86 5.37
CA SER A 57 -29.81 1.27 5.22
C SER A 57 -29.86 0.03 4.34
N LEU A 58 -30.78 -0.87 4.68
CA LEU A 58 -31.00 -2.09 3.93
C LEU A 58 -31.39 -1.83 2.48
N GLN A 59 -32.25 -0.85 2.24
CA GLN A 59 -32.58 -0.50 0.87
C GLN A 59 -31.32 -0.02 0.15
N LYS A 60 -30.56 0.83 0.84
CA LYS A 60 -29.35 1.41 0.28
C LYS A 60 -28.35 0.34 -0.11
N LEU A 61 -28.32 -0.73 0.68
CA LEU A 61 -27.39 -1.82 0.51
C LEU A 61 -27.71 -2.68 -0.71
N PHE A 62 -28.96 -3.12 -0.78
CA PHE A 62 -29.41 -3.89 -1.93
C PHE A 62 -29.32 -3.10 -3.25
N ARG A 63 -29.43 -1.77 -3.18
CA ARG A 63 -29.21 -0.93 -4.34
C ARG A 63 -27.74 -1.00 -4.74
N GLU A 64 -26.87 -1.10 -3.73
CA GLU A 64 -25.44 -1.10 -3.98
C GLU A 64 -25.05 -2.37 -4.73
N VAL A 65 -25.62 -3.48 -4.29
CA VAL A 65 -25.33 -4.77 -4.87
C VAL A 65 -25.81 -4.81 -6.32
N ARG A 66 -26.99 -4.28 -6.54
CA ARG A 66 -27.53 -4.09 -7.89
C ARG A 66 -26.58 -3.30 -8.78
N ILE A 67 -26.21 -2.10 -8.34
CA ILE A 67 -25.23 -1.29 -9.06
C ILE A 67 -23.91 -2.04 -9.35
N MET A 68 -23.27 -2.59 -8.33
CA MET A 68 -21.97 -3.24 -8.50
C MET A 68 -21.97 -4.37 -9.51
N LYS A 69 -23.06 -5.14 -9.54
CA LYS A 69 -23.16 -6.27 -10.45
C LYS A 69 -23.19 -5.82 -11.90
N VAL A 70 -23.47 -4.55 -12.09
CA VAL A 70 -23.70 -4.05 -13.43
C VAL A 70 -22.54 -3.24 -14.03
N LEU A 71 -21.76 -2.56 -13.18
CA LEU A 71 -20.72 -1.67 -13.69
C LEU A 71 -19.48 -2.40 -14.18
N ASN A 72 -19.07 -2.10 -15.40
CA ASN A 72 -17.88 -2.73 -15.94
C ASN A 72 -16.91 -1.75 -16.61
N HIS A 73 -16.34 -0.87 -15.81
CA HIS A 73 -15.54 0.25 -16.28
C HIS A 73 -14.10 0.18 -15.79
N PRO A 74 -13.15 0.59 -16.63
CA PRO A 74 -11.72 0.64 -16.26
C PRO A 74 -11.45 1.53 -15.05
N ASN A 75 -12.37 2.44 -14.74
CA ASN A 75 -12.15 3.44 -13.68
C ASN A 75 -13.18 3.41 -12.54
N ILE A 76 -13.97 2.36 -12.48
CA ILE A 76 -14.80 2.11 -11.34
C ILE A 76 -14.35 0.79 -10.77
N VAL A 77 -14.27 0.68 -9.45
CA VAL A 77 -13.85 -0.56 -8.83
C VAL A 77 -14.76 -1.71 -9.27
N LYS A 78 -14.15 -2.80 -9.70
CA LYS A 78 -14.87 -3.94 -10.25
C LYS A 78 -15.30 -4.90 -9.14
N LEU A 79 -16.49 -5.47 -9.28
CA LEU A 79 -16.97 -6.47 -8.35
C LEU A 79 -16.53 -7.87 -8.78
N PHE A 80 -16.08 -8.68 -7.83
CA PHE A 80 -15.68 -10.06 -8.13
C PHE A 80 -16.67 -11.08 -7.55
N GLU A 81 -17.15 -10.87 -6.34
CA GLU A 81 -18.05 -11.83 -5.75
C GLU A 81 -18.96 -11.21 -4.70
N VAL A 82 -20.15 -11.78 -4.57
CA VAL A 82 -20.99 -11.45 -3.43
C VAL A 82 -21.16 -12.66 -2.54
N ILE A 83 -20.90 -12.51 -1.25
CA ILE A 83 -21.18 -13.57 -0.30
C ILE A 83 -22.30 -13.14 0.66
N GLU A 84 -23.40 -13.88 0.65
CA GLU A 84 -24.57 -13.57 1.47
C GLU A 84 -24.79 -14.64 2.53
N THR A 85 -24.95 -14.17 3.76
CA THR A 85 -25.39 -14.98 4.87
C THR A 85 -26.51 -14.19 5.48
N GLU A 86 -27.25 -14.78 6.41
CA GLU A 86 -28.36 -14.06 6.97
C GLU A 86 -27.89 -12.80 7.66
N LYS A 87 -26.83 -12.93 8.45
CA LYS A 87 -26.38 -11.82 9.28
C LYS A 87 -25.47 -10.81 8.58
N THR A 88 -24.67 -11.27 7.62
CA THR A 88 -23.57 -10.46 7.10
C THR A 88 -23.45 -10.55 5.58
N LEU A 89 -23.16 -9.43 4.95
CA LEU A 89 -22.94 -9.47 3.51
C LEU A 89 -21.50 -9.08 3.17
N TYR A 90 -20.92 -9.76 2.17
CA TYR A 90 -19.56 -9.44 1.74
C TYR A 90 -19.53 -9.08 0.26
N LEU A 91 -19.01 -7.90 -0.04
CA LEU A 91 -18.74 -7.56 -1.43
C LEU A 91 -17.24 -7.61 -1.67
N VAL A 92 -16.77 -8.61 -2.40
CA VAL A 92 -15.35 -8.67 -2.78
C VAL A 92 -15.16 -7.85 -4.05
N MET A 93 -14.31 -6.85 -3.98
CA MET A 93 -14.03 -6.02 -5.16
C MET A 93 -12.55 -5.72 -5.35
N GLU A 94 -12.26 -5.03 -6.44
CA GLU A 94 -10.91 -4.62 -6.81
C GLU A 94 -10.28 -3.75 -5.73
N TYR A 95 -8.97 -3.90 -5.51
CA TYR A 95 -8.24 -3.08 -4.54
C TYR A 95 -7.43 -1.98 -5.23
N ALA A 96 -7.61 -0.74 -4.79
CA ALA A 96 -6.86 0.36 -5.40
C ALA A 96 -5.76 0.76 -4.42
N SER A 97 -4.53 0.38 -4.75
CA SER A 97 -3.42 0.45 -3.78
C SER A 97 -2.87 1.86 -3.61
N GLY A 98 -3.20 2.74 -4.56
CA GLY A 98 -2.83 4.14 -4.49
C GLY A 98 -3.60 4.88 -3.41
N GLY A 99 -4.74 4.33 -3.01
CA GLY A 99 -5.57 4.98 -2.02
C GLY A 99 -6.34 6.21 -2.52
N GLU A 100 -6.71 7.05 -1.56
CA GLU A 100 -7.58 8.19 -1.79
C GLU A 100 -6.90 9.32 -2.57
N VAL A 101 -7.61 9.90 -3.52
CA VAL A 101 -7.09 11.04 -4.29
C VAL A 101 -6.91 12.25 -3.37
N PHE A 102 -7.74 12.34 -2.34
CA PHE A 102 -7.60 13.36 -1.29
C PHE A 102 -6.20 13.37 -0.69
N ASP A 103 -5.74 12.18 -0.28
CA ASP A 103 -4.41 11.99 0.25
C ASP A 103 -3.37 12.57 -0.69
N TYR A 104 -3.43 12.14 -1.95
CA TYR A 104 -2.49 12.61 -2.97
C TYR A 104 -2.43 14.14 -3.04
N LEU A 105 -3.60 14.79 -3.05
CA LEU A 105 -3.61 16.25 -3.12
C LEU A 105 -2.89 16.90 -1.94
N VAL A 106 -3.14 16.40 -0.74
CA VAL A 106 -2.51 16.95 0.47
C VAL A 106 -1.00 16.83 0.40
N ALA A 107 -0.52 15.74 -0.18
CA ALA A 107 0.92 15.45 -0.28
C ALA A 107 1.67 16.40 -1.22
N HIS A 108 1.18 16.50 -2.44
CA HIS A 108 1.89 17.20 -3.51
C HIS A 108 1.22 18.49 -3.94
N GLY A 109 0.23 18.95 -3.17
CA GLY A 109 -0.54 20.13 -3.54
C GLY A 109 -1.35 19.95 -4.82
N ARG A 110 -2.01 21.01 -5.26
CA ARG A 110 -2.79 20.97 -6.49
C ARG A 110 -2.09 20.26 -7.64
N MET A 111 -2.87 19.58 -8.48
CA MET A 111 -2.39 18.99 -9.72
C MET A 111 -2.21 20.04 -10.84
N LYS A 112 -1.16 19.86 -11.64
CA LYS A 112 -0.99 20.66 -12.84
C LYS A 112 -2.10 20.24 -13.78
N GLU A 113 -2.61 21.19 -14.54
CA GLU A 113 -3.80 20.94 -15.35
C GLU A 113 -3.68 19.70 -16.23
N LYS A 114 -2.47 19.43 -16.70
CA LYS A 114 -2.17 18.23 -17.47
C LYS A 114 -2.57 16.97 -16.70
N GLU A 115 -2.08 16.84 -15.48
CA GLU A 115 -2.34 15.65 -14.68
C GLU A 115 -3.82 15.58 -14.24
N ALA A 116 -4.37 16.73 -13.86
CA ALA A 116 -5.78 16.81 -13.48
C ALA A 116 -6.64 16.30 -14.63
N ARG A 117 -6.26 16.66 -15.85
CA ARG A 117 -7.03 16.32 -17.03
C ARG A 117 -7.05 14.82 -17.26
N ALA A 118 -5.89 14.20 -17.12
CA ALA A 118 -5.77 12.77 -17.27
C ALA A 118 -6.74 12.05 -16.32
N LYS A 119 -6.75 12.50 -15.07
CA LYS A 119 -7.62 11.93 -14.05
C LYS A 119 -9.08 12.25 -14.31
N PHE A 120 -9.35 13.47 -14.76
CA PHE A 120 -10.72 13.93 -14.90
C PHE A 120 -11.40 13.30 -16.11
N ARG A 121 -10.62 13.04 -17.16
CA ARG A 121 -11.18 12.30 -18.30
C ARG A 121 -11.65 10.93 -17.81
N GLN A 122 -10.88 10.29 -16.94
CA GLN A 122 -11.30 9.03 -16.35
C GLN A 122 -12.59 9.18 -15.54
N ILE A 123 -12.61 10.12 -14.60
CA ILE A 123 -13.78 10.37 -13.77
C ILE A 123 -15.04 10.62 -14.61
N VAL A 124 -14.93 11.50 -15.59
CA VAL A 124 -16.07 11.84 -16.39
C VAL A 124 -16.58 10.63 -17.17
N SER A 125 -15.63 9.85 -17.69
CA SER A 125 -15.96 8.62 -18.42
C SER A 125 -16.77 7.68 -17.54
N ALA A 126 -16.36 7.56 -16.30
CA ALA A 126 -16.96 6.60 -15.41
C ALA A 126 -18.35 7.03 -14.98
N VAL A 127 -18.50 8.31 -14.65
CA VAL A 127 -19.79 8.77 -14.21
C VAL A 127 -20.79 8.77 -15.37
N GLN A 128 -20.33 9.16 -16.56
CA GLN A 128 -21.22 9.12 -17.70
C GLN A 128 -21.60 7.68 -18.11
N TYR A 129 -20.68 6.75 -17.91
CA TYR A 129 -21.02 5.35 -18.08
C TYR A 129 -22.19 4.99 -17.17
N CYS A 130 -22.11 5.40 -15.90
CA CYS A 130 -23.15 5.08 -14.94
C CYS A 130 -24.45 5.64 -15.44
N HIS A 131 -24.43 6.92 -15.80
CA HIS A 131 -25.60 7.60 -16.32
C HIS A 131 -26.25 6.89 -17.49
N GLN A 132 -25.43 6.32 -18.37
CA GLN A 132 -25.91 5.55 -19.51
C GLN A 132 -26.81 4.42 -19.04
N LYS A 133 -26.39 3.78 -17.94
CA LYS A 133 -27.13 2.69 -17.35
C LYS A 133 -28.20 3.17 -16.36
N PHE A 134 -28.57 4.45 -16.49
CA PHE A 134 -29.55 5.07 -15.59
C PHE A 134 -29.15 4.89 -14.15
N ILE A 135 -27.87 5.11 -13.89
CA ILE A 135 -27.38 5.18 -12.52
C ILE A 135 -26.77 6.55 -12.25
N VAL A 136 -27.25 7.18 -11.18
CA VAL A 136 -26.61 8.37 -10.65
C VAL A 136 -26.10 8.04 -9.25
N HIS A 137 -24.93 8.55 -8.91
CA HIS A 137 -24.32 8.26 -7.62
C HIS A 137 -25.03 9.06 -6.54
N ARG A 138 -25.27 10.34 -6.83
CA ARG A 138 -26.00 11.20 -5.92
C ARG A 138 -25.22 11.64 -4.71
N ASP A 139 -24.05 11.04 -4.48
CA ASP A 139 -23.25 11.43 -3.32
C ASP A 139 -21.75 11.47 -3.57
N LEU A 140 -21.35 11.91 -4.77
CA LEU A 140 -19.93 11.99 -5.07
C LEU A 140 -19.23 12.96 -4.14
N LYS A 141 -18.29 12.45 -3.35
CA LYS A 141 -17.46 13.29 -2.50
C LYS A 141 -16.04 12.73 -2.54
N ALA A 142 -15.09 13.36 -1.85
CA ALA A 142 -13.69 13.03 -2.03
C ALA A 142 -13.38 11.53 -1.88
N GLU A 143 -13.90 10.92 -0.82
CA GLU A 143 -13.61 9.52 -0.52
C GLU A 143 -14.01 8.56 -1.66
N ASN A 144 -14.79 9.02 -2.62
CA ASN A 144 -15.20 8.14 -3.69
C ASN A 144 -14.14 7.96 -4.77
N LEU A 145 -13.09 8.78 -4.68
CA LEU A 145 -12.06 8.79 -5.71
C LEU A 145 -10.77 8.16 -5.22
N LEU A 146 -10.50 6.96 -5.71
CA LEU A 146 -9.31 6.21 -5.33
C LEU A 146 -8.38 6.08 -6.52
N LEU A 147 -7.18 5.55 -6.26
CA LEU A 147 -6.14 5.40 -7.28
C LEU A 147 -5.58 3.99 -7.34
N ASP A 148 -5.33 3.49 -8.53
CA ASP A 148 -4.65 2.20 -8.60
C ASP A 148 -3.16 2.42 -8.57
N ALA A 149 -2.39 1.39 -8.87
CA ALA A 149 -0.94 1.49 -8.73
C ALA A 149 -0.31 2.35 -9.84
N ASP A 150 -0.98 2.41 -11.00
CA ASP A 150 -0.50 3.25 -12.12
C ASP A 150 -1.10 4.65 -12.11
N MET A 151 -1.69 5.01 -10.98
CA MET A 151 -2.31 6.33 -10.80
C MET A 151 -3.56 6.57 -11.66
N ASN A 152 -4.25 5.48 -12.01
CA ASN A 152 -5.56 5.55 -12.61
C ASN A 152 -6.64 5.78 -11.55
N ILE A 153 -7.67 6.51 -11.93
CA ILE A 153 -8.80 6.72 -11.04
C ILE A 153 -9.61 5.42 -10.84
N LYS A 154 -10.06 5.19 -9.61
CA LYS A 154 -10.99 4.11 -9.35
C LYS A 154 -12.15 4.61 -8.50
N ILE A 155 -13.31 4.77 -9.10
CA ILE A 155 -14.44 5.24 -8.34
C ILE A 155 -14.99 4.13 -7.46
N ALA A 156 -15.28 4.47 -6.20
CA ALA A 156 -15.54 3.48 -5.18
C ALA A 156 -16.71 3.85 -4.29
N ASP A 157 -17.46 2.83 -3.88
CA ASP A 157 -18.52 2.93 -2.88
C ASP A 157 -19.81 3.53 -3.41
N PHE A 158 -20.75 2.67 -3.77
CA PHE A 158 -22.10 3.11 -4.11
C PHE A 158 -23.11 2.73 -3.01
N GLY A 159 -22.69 2.78 -1.74
CA GLY A 159 -23.55 2.38 -0.65
C GLY A 159 -23.69 3.37 0.48
N PHE A 160 -23.31 4.62 0.20
CA PHE A 160 -23.28 5.69 1.22
C PHE A 160 -22.77 5.24 2.60
N SER A 161 -21.47 4.97 2.72
CA SER A 161 -20.87 4.51 3.99
C SER A 161 -19.46 5.04 4.24
N PHE A 173 -21.11 13.69 9.06
CA PHE A 173 -21.44 14.40 7.82
C PHE A 173 -20.30 15.29 7.40
N CYS A 174 -19.07 14.88 7.70
CA CYS A 174 -17.93 15.76 7.46
C CYS A 174 -17.60 15.95 5.97
N GLY A 175 -17.79 14.92 5.16
CA GLY A 175 -17.46 14.98 3.75
C GLY A 175 -18.51 15.59 2.82
N SER A 176 -19.77 15.24 3.07
CA SER A 176 -20.90 15.53 2.20
C SER A 176 -21.19 17.01 1.74
N PRO A 177 -21.43 17.93 2.71
CA PRO A 177 -21.94 19.27 2.39
C PRO A 177 -21.30 20.07 1.25
N PRO A 178 -19.96 20.17 1.21
CA PRO A 178 -19.31 21.01 0.19
C PRO A 178 -19.47 20.49 -1.22
N TYR A 179 -20.01 19.29 -1.39
CA TYR A 179 -20.22 18.70 -2.72
C TYR A 179 -21.70 18.69 -3.10
N ALA A 180 -22.54 19.18 -2.20
CA ALA A 180 -23.99 19.18 -2.44
C ALA A 180 -24.42 20.27 -3.44
N ALA A 181 -25.14 19.84 -4.48
CA ALA A 181 -25.72 20.76 -5.45
C ALA A 181 -26.70 21.74 -4.78
N PRO A 182 -26.87 22.93 -5.37
CA PRO A 182 -27.75 23.95 -4.78
C PRO A 182 -29.19 23.52 -4.46
N GLU A 183 -29.78 22.61 -5.22
CA GLU A 183 -31.15 22.15 -4.95
C GLU A 183 -31.40 21.74 -3.51
N LEU A 184 -30.48 20.94 -2.96
CA LEU A 184 -30.55 20.54 -1.56
C LEU A 184 -30.97 21.69 -0.66
N PHE A 185 -30.41 22.86 -0.89
CA PHE A 185 -30.63 23.98 0.00
C PHE A 185 -31.83 24.81 -0.38
N GLN A 186 -32.54 24.42 -1.43
CA GLN A 186 -33.71 25.17 -1.86
C GLN A 186 -35.01 24.34 -1.94
N GLY A 187 -34.99 23.13 -1.39
CA GLY A 187 -36.17 22.29 -1.33
C GLY A 187 -36.50 21.51 -2.60
N LYS A 188 -35.77 21.79 -3.67
CA LYS A 188 -36.11 21.19 -4.95
C LYS A 188 -35.70 19.71 -4.95
N LYS A 189 -36.26 18.90 -5.86
CA LYS A 189 -35.92 17.48 -5.91
C LYS A 189 -34.41 17.31 -5.98
N TYR A 190 -33.90 16.23 -5.38
CA TYR A 190 -32.46 15.99 -5.36
C TYR A 190 -32.13 14.62 -5.97
N ASP A 191 -32.64 14.40 -7.17
CA ASP A 191 -32.31 13.21 -7.93
C ASP A 191 -31.95 13.68 -9.35
N GLY A 192 -31.57 12.72 -10.20
CA GLY A 192 -31.23 13.05 -11.57
C GLY A 192 -29.73 13.18 -11.81
N PRO A 193 -29.30 12.79 -13.01
CA PRO A 193 -27.88 12.91 -13.34
C PRO A 193 -27.30 14.31 -13.10
N GLU A 194 -28.16 15.34 -13.08
CA GLU A 194 -27.70 16.73 -12.93
C GLU A 194 -27.01 17.00 -11.60
N VAL A 195 -27.44 16.27 -10.58
CA VAL A 195 -26.79 16.28 -9.28
C VAL A 195 -25.31 15.93 -9.42
N ASP A 196 -25.04 14.80 -10.04
CA ASP A 196 -23.67 14.34 -10.23
C ASP A 196 -22.82 15.33 -11.03
N VAL A 197 -23.42 15.91 -12.05
CA VAL A 197 -22.76 16.93 -12.85
C VAL A 197 -22.22 18.05 -11.96
N TRP A 198 -23.02 18.50 -10.99
CA TRP A 198 -22.59 19.54 -10.08
C TRP A 198 -21.38 19.06 -9.29
N SER A 199 -21.48 17.88 -8.68
CA SER A 199 -20.37 17.31 -7.91
C SER A 199 -19.09 17.17 -8.73
N LEU A 200 -19.22 16.81 -10.00
CA LEU A 200 -18.04 16.74 -10.84
C LEU A 200 -17.34 18.11 -10.93
N GLY A 201 -18.09 19.20 -11.02
CA GLY A 201 -17.50 20.53 -11.00
C GLY A 201 -16.63 20.78 -9.76
N VAL A 202 -17.19 20.47 -8.60
CA VAL A 202 -16.49 20.62 -7.34
C VAL A 202 -15.20 19.79 -7.37
N ILE A 203 -15.34 18.53 -7.68
CA ILE A 203 -14.17 17.68 -7.82
C ILE A 203 -13.11 18.31 -8.73
N LEU A 204 -13.54 18.82 -9.89
CA LEU A 204 -12.61 19.42 -10.83
C LEU A 204 -11.89 20.58 -10.17
N TYR A 205 -12.65 21.40 -9.46
CA TYR A 205 -12.09 22.59 -8.86
C TYR A 205 -11.04 22.20 -7.83
N THR A 206 -11.30 21.10 -7.14
CA THR A 206 -10.41 20.73 -6.08
C THR A 206 -9.11 20.16 -6.63
N LEU A 207 -9.17 19.43 -7.76
CA LEU A 207 -7.97 18.87 -8.40
C LEU A 207 -6.97 19.94 -8.84
N VAL A 208 -7.48 21.03 -9.43
CA VAL A 208 -6.58 22.05 -9.94
C VAL A 208 -6.21 23.12 -8.90
N SER A 209 -7.00 23.22 -7.85
CA SER A 209 -6.77 24.26 -6.86
C SER A 209 -6.27 23.68 -5.56
N GLY A 210 -6.49 22.38 -5.38
CA GLY A 210 -6.19 21.72 -4.12
C GLY A 210 -7.08 22.15 -2.96
N SER A 211 -8.18 22.83 -3.26
CA SER A 211 -9.08 23.27 -2.20
C SER A 211 -10.51 23.24 -2.73
N LEU A 212 -11.48 23.52 -1.85
CA LEU A 212 -12.90 23.51 -2.27
C LEU A 212 -13.36 24.87 -2.77
N PRO A 213 -14.28 24.86 -3.73
CA PRO A 213 -14.87 26.10 -4.26
C PRO A 213 -15.76 26.78 -3.22
N PHE A 214 -16.49 25.99 -2.46
CA PHE A 214 -17.33 26.52 -1.40
C PHE A 214 -17.01 25.82 -0.08
N ASP A 215 -16.63 26.59 0.93
CA ASP A 215 -16.59 26.11 2.30
C ASP A 215 -17.13 27.22 3.19
N GLY A 216 -17.45 26.88 4.43
CA GLY A 216 -17.86 27.85 5.42
C GLY A 216 -17.36 27.38 6.77
N GLN A 217 -17.42 28.25 7.76
CA GLN A 217 -17.12 27.86 9.14
C GLN A 217 -18.37 27.26 9.76
N ASN A 218 -19.46 27.36 9.01
CA ASN A 218 -20.70 26.75 9.43
C ASN A 218 -21.62 26.41 8.26
N LEU A 219 -22.70 25.73 8.58
CA LEU A 219 -23.64 25.22 7.60
C LEU A 219 -24.36 26.33 6.81
N LYS A 220 -24.69 27.44 7.46
CA LYS A 220 -25.37 28.55 6.78
C LYS A 220 -24.41 29.27 5.83
N GLU A 221 -23.20 29.51 6.30
CA GLU A 221 -22.16 30.11 5.49
C GLU A 221 -22.04 29.30 4.23
N LEU A 222 -21.84 28.00 4.42
CA LEU A 222 -21.66 27.10 3.31
C LEU A 222 -22.82 27.19 2.32
N ARG A 223 -24.02 27.12 2.87
CA ARG A 223 -25.25 27.16 2.07
C ARG A 223 -25.44 28.47 1.27
N GLU A 224 -25.00 29.58 1.83
CA GLU A 224 -25.11 30.85 1.12
C GLU A 224 -24.16 30.88 -0.06
N ARG A 225 -22.94 30.42 0.18
CA ARG A 225 -21.94 30.38 -0.86
C ARG A 225 -22.35 29.46 -2.01
N VAL A 226 -22.94 28.33 -1.71
CA VAL A 226 -23.41 27.39 -2.74
C VAL A 226 -24.60 27.93 -3.55
N LEU A 227 -25.58 28.52 -2.86
CA LEU A 227 -26.73 29.11 -3.52
C LEU A 227 -26.32 30.27 -4.41
N ARG A 228 -25.20 30.90 -4.07
CA ARG A 228 -24.70 31.98 -4.90
C ARG A 228 -23.93 31.40 -6.10
N GLY A 229 -23.33 30.24 -5.89
CA GLY A 229 -22.59 29.58 -6.95
C GLY A 229 -21.33 30.29 -7.46
N LYS A 230 -20.92 31.35 -6.77
CA LYS A 230 -19.68 32.02 -7.15
C LYS A 230 -18.48 31.42 -6.42
N TYR A 231 -17.67 30.66 -7.14
CA TYR A 231 -16.41 30.22 -6.60
C TYR A 231 -15.42 31.30 -6.95
N ARG A 232 -14.27 31.32 -6.29
CA ARG A 232 -13.27 32.30 -6.67
C ARG A 232 -12.17 31.66 -7.52
N ILE A 233 -11.84 32.34 -8.62
CA ILE A 233 -10.89 31.84 -9.63
C ILE A 233 -9.44 31.95 -9.15
N PRO A 234 -8.72 30.83 -9.05
CA PRO A 234 -7.30 30.90 -8.64
C PRO A 234 -6.49 31.55 -9.74
N PHE A 235 -5.71 32.56 -9.39
CA PHE A 235 -5.00 33.33 -10.41
C PHE A 235 -4.24 32.49 -11.45
N TYR A 236 -3.63 31.38 -11.01
CA TYR A 236 -2.85 30.51 -11.91
C TYR A 236 -3.69 29.67 -12.92
N MET A 237 -5.01 29.63 -12.72
CA MET A 237 -5.92 28.81 -13.53
C MET A 237 -6.16 29.28 -14.96
N SER A 238 -6.14 28.34 -15.91
CA SER A 238 -6.40 28.67 -17.30
C SER A 238 -7.84 29.08 -17.56
N THR A 239 -8.03 29.89 -18.58
CA THR A 239 -9.36 30.28 -18.97
C THR A 239 -10.10 29.07 -19.52
N ASP A 240 -9.37 28.15 -20.15
CA ASP A 240 -9.99 26.90 -20.62
C ASP A 240 -10.61 26.11 -19.48
N CYS A 241 -9.85 25.94 -18.40
CA CYS A 241 -10.39 25.26 -17.24
C CYS A 241 -11.67 25.93 -16.72
N GLU A 242 -11.60 27.24 -16.57
CA GLU A 242 -12.71 28.02 -16.02
C GLU A 242 -14.00 27.97 -16.88
N ASN A 243 -13.85 27.85 -18.20
CA ASN A 243 -15.02 27.62 -19.05
C ASN A 243 -15.59 26.22 -18.82
N LEU A 244 -14.73 25.28 -18.48
CA LEU A 244 -15.18 23.95 -18.17
C LEU A 244 -15.97 23.98 -16.86
N LEU A 245 -15.41 24.64 -15.86
CA LEU A 245 -16.09 24.77 -14.58
C LEU A 245 -17.51 25.33 -14.74
N LYS A 246 -17.65 26.35 -15.57
CA LYS A 246 -18.94 27.00 -15.78
C LYS A 246 -19.99 26.06 -16.39
N LYS A 247 -19.53 25.02 -17.08
CA LYS A 247 -20.42 24.02 -17.69
C LYS A 247 -21.01 23.05 -16.63
N PHE A 248 -20.30 22.89 -15.50
CA PHE A 248 -20.71 22.00 -14.42
C PHE A 248 -21.49 22.72 -13.33
N LEU A 249 -20.93 23.83 -12.85
CA LEU A 249 -21.50 24.57 -11.73
C LEU A 249 -22.53 25.60 -12.20
N ILE A 250 -23.62 25.11 -12.78
CA ILE A 250 -24.78 25.90 -13.13
C ILE A 250 -25.80 25.73 -12.00
N LEU A 251 -26.25 26.85 -11.43
CA LEU A 251 -27.27 26.83 -10.39
C LEU A 251 -28.55 26.10 -10.80
N ASN A 252 -29.15 26.48 -11.92
CA ASN A 252 -30.37 25.86 -12.40
C ASN A 252 -30.17 24.41 -12.89
N PRO A 253 -30.72 23.45 -12.13
CA PRO A 253 -30.53 22.01 -12.38
C PRO A 253 -30.92 21.60 -13.78
N SER A 254 -31.97 22.21 -14.31
CA SER A 254 -32.49 21.85 -15.62
C SER A 254 -31.70 22.54 -16.74
N LYS A 255 -30.73 23.37 -16.35
CA LYS A 255 -29.92 24.07 -17.34
C LYS A 255 -28.46 23.60 -17.37
N ARG A 256 -28.14 22.62 -16.52
CA ARG A 256 -26.82 22.00 -16.52
C ARG A 256 -26.67 21.02 -17.68
N GLY A 257 -25.48 20.98 -18.28
CA GLY A 257 -25.23 20.11 -19.41
C GLY A 257 -25.28 18.63 -19.06
N THR A 258 -25.25 17.76 -20.06
CA THR A 258 -25.02 16.34 -19.83
C THR A 258 -23.53 16.07 -19.93
N LEU A 259 -23.06 15.03 -19.28
CA LEU A 259 -21.65 14.66 -19.35
C LEU A 259 -21.24 14.34 -20.79
N GLU A 260 -22.19 13.79 -21.55
CA GLU A 260 -21.98 13.61 -22.99
C GLU A 260 -21.63 14.93 -23.68
N GLN A 261 -22.36 16.00 -23.38
CA GLN A 261 -22.03 17.32 -23.91
C GLN A 261 -20.67 17.85 -23.40
N ILE A 262 -20.48 17.79 -22.08
CA ILE A 262 -19.23 18.22 -21.46
C ILE A 262 -18.02 17.52 -22.08
N MET A 263 -18.21 16.26 -22.50
CA MET A 263 -17.11 15.48 -23.05
C MET A 263 -16.48 16.11 -24.27
N LYS A 264 -17.26 16.90 -25.00
CA LYS A 264 -16.80 17.55 -26.21
C LYS A 264 -15.99 18.80 -25.91
N ASP A 265 -15.85 19.13 -24.62
CA ASP A 265 -15.23 20.38 -24.18
C ASP A 265 -13.76 20.52 -24.54
N ARG A 266 -13.35 21.71 -24.92
CA ARG A 266 -11.96 21.97 -25.29
C ARG A 266 -10.95 21.53 -24.24
N TRP A 267 -11.07 22.01 -23.01
CA TRP A 267 -10.12 21.64 -21.96
C TRP A 267 -10.05 20.12 -21.76
N MET A 268 -11.20 19.46 -21.87
CA MET A 268 -11.23 18.00 -21.74
C MET A 268 -10.30 17.31 -22.74
N ASN A 269 -10.04 17.97 -23.85
CA ASN A 269 -9.44 17.28 -24.97
C ASN A 269 -8.07 17.78 -25.42
N VAL A 270 -7.58 18.80 -24.71
CA VAL A 270 -6.23 19.30 -24.94
C VAL A 270 -5.22 18.15 -24.78
N GLY A 271 -4.48 17.86 -25.83
CA GLY A 271 -3.47 16.83 -25.77
C GLY A 271 -4.02 15.50 -26.21
N HIS A 272 -5.26 15.50 -26.72
CA HIS A 272 -5.92 14.32 -27.25
C HIS A 272 -6.62 14.75 -28.50
N GLU A 273 -5.89 15.51 -29.32
CA GLU A 273 -6.51 16.16 -30.45
C GLU A 273 -6.92 15.16 -31.54
N ASP A 274 -6.46 13.91 -31.43
CA ASP A 274 -6.98 12.82 -32.27
C ASP A 274 -7.53 11.66 -31.43
N ASP A 275 -8.30 12.00 -30.42
CA ASP A 275 -8.72 11.06 -29.39
C ASP A 275 -9.81 11.66 -28.50
N GLU A 276 -10.70 12.44 -29.10
CA GLU A 276 -11.75 13.09 -28.31
C GLU A 276 -12.41 12.10 -27.36
N LEU A 277 -12.92 12.62 -26.25
CA LEU A 277 -13.61 11.81 -25.24
C LEU A 277 -15.07 11.54 -25.65
N LYS A 278 -15.40 10.25 -25.77
CA LYS A 278 -16.74 9.81 -26.13
C LYS A 278 -17.23 8.95 -24.97
N PRO A 279 -18.55 8.68 -24.92
CA PRO A 279 -19.10 7.76 -23.93
C PRO A 279 -18.43 6.40 -24.02
N TYR A 280 -18.30 5.74 -22.88
CA TYR A 280 -17.63 4.47 -22.81
C TYR A 280 -18.41 3.42 -23.57
N VAL A 281 -17.71 2.64 -24.38
CA VAL A 281 -18.34 1.47 -25.00
C VAL A 281 -17.80 0.23 -24.31
N GLU A 282 -18.71 -0.50 -23.68
CA GLU A 282 -18.35 -1.65 -22.90
C GLU A 282 -17.95 -2.79 -23.84
N PRO A 283 -16.80 -3.43 -23.60
CA PRO A 283 -16.35 -4.49 -24.49
C PRO A 283 -17.15 -5.78 -24.26
N LEU A 284 -17.37 -6.54 -25.33
CA LEU A 284 -18.21 -7.73 -25.25
C LEU A 284 -17.56 -8.78 -24.37
N PRO A 285 -18.39 -9.53 -23.64
CA PRO A 285 -17.99 -10.47 -22.58
C PRO A 285 -17.18 -11.65 -23.07
N ASP A 286 -16.16 -12.08 -22.32
CA ASP A 286 -15.54 -13.36 -22.61
C ASP A 286 -15.74 -14.36 -21.47
N TYR A 287 -16.89 -15.03 -21.50
CA TYR A 287 -17.20 -16.06 -20.53
C TYR A 287 -16.73 -17.44 -20.97
N LYS A 288 -15.98 -17.50 -22.07
CA LYS A 288 -15.58 -18.79 -22.64
C LYS A 288 -14.08 -18.91 -22.86
N ASP A 289 -13.27 -18.20 -22.09
CA ASP A 289 -11.83 -18.29 -22.31
C ASP A 289 -11.39 -19.73 -22.10
N PRO A 290 -11.01 -20.40 -23.20
CA PRO A 290 -10.59 -21.80 -23.10
C PRO A 290 -9.40 -21.95 -22.18
N ARG A 291 -8.60 -20.89 -22.05
CA ARG A 291 -7.41 -20.96 -21.22
C ARG A 291 -7.78 -21.09 -19.75
N ARG A 292 -8.55 -20.13 -19.26
CA ARG A 292 -8.97 -20.09 -17.87
C ARG A 292 -9.94 -21.23 -17.55
N THR A 293 -10.90 -21.47 -18.45
CA THR A 293 -11.87 -22.52 -18.24
C THR A 293 -11.18 -23.85 -17.90
N GLU A 294 -10.28 -24.29 -18.76
CA GLU A 294 -9.62 -25.57 -18.55
C GLU A 294 -8.86 -25.61 -17.23
N LEU A 295 -8.16 -24.52 -16.93
CA LEU A 295 -7.42 -24.40 -15.69
C LEU A 295 -8.31 -24.58 -14.45
N MET A 296 -9.61 -24.37 -14.62
CA MET A 296 -10.55 -24.54 -13.53
C MET A 296 -11.19 -25.92 -13.51
N VAL A 297 -11.27 -26.55 -14.68
CA VAL A 297 -11.69 -27.93 -14.76
C VAL A 297 -10.62 -28.80 -14.11
N SER A 298 -9.35 -28.40 -14.27
CA SER A 298 -8.25 -29.11 -13.65
C SER A 298 -8.20 -28.74 -12.17
N MET A 299 -8.85 -27.63 -11.84
CA MET A 299 -8.87 -27.10 -10.49
C MET A 299 -10.08 -27.63 -9.74
N GLY A 300 -10.96 -28.34 -10.45
CA GLY A 300 -12.05 -29.04 -9.82
C GLY A 300 -13.46 -28.51 -10.06
N TYR A 301 -13.63 -27.66 -11.06
CA TYR A 301 -14.96 -27.16 -11.40
C TYR A 301 -15.51 -27.85 -12.65
N THR A 302 -16.83 -27.90 -12.78
CA THR A 302 -17.44 -28.37 -14.03
C THR A 302 -17.52 -27.23 -15.05
N ARG A 303 -17.55 -27.58 -16.34
CA ARG A 303 -17.64 -26.54 -17.38
C ARG A 303 -19.03 -25.92 -17.44
N GLU A 304 -20.06 -26.74 -17.27
CA GLU A 304 -21.43 -26.22 -17.20
C GLU A 304 -21.59 -25.25 -16.05
N GLU A 305 -20.86 -25.46 -14.96
CA GLU A 305 -20.99 -24.59 -13.81
C GLU A 305 -20.21 -23.28 -13.97
N ILE A 306 -19.06 -23.35 -14.65
CA ILE A 306 -18.32 -22.14 -14.98
C ILE A 306 -19.14 -21.23 -15.93
N GLN A 307 -19.60 -21.77 -17.05
CA GLN A 307 -20.39 -21.01 -18.00
C GLN A 307 -21.68 -20.47 -17.39
N ASP A 308 -22.40 -21.31 -16.65
CA ASP A 308 -23.69 -20.92 -16.08
C ASP A 308 -23.53 -19.79 -15.07
N SER A 309 -22.36 -19.72 -14.44
CA SER A 309 -22.08 -18.71 -13.44
C SER A 309 -21.72 -17.37 -14.07
N LEU A 310 -20.95 -17.43 -15.15
CA LEU A 310 -20.63 -16.24 -15.92
C LEU A 310 -21.83 -15.65 -16.67
N VAL A 311 -22.66 -16.52 -17.27
CA VAL A 311 -23.77 -16.04 -18.08
C VAL A 311 -24.94 -15.66 -17.18
N GLY A 312 -25.09 -16.40 -16.09
CA GLY A 312 -26.08 -16.03 -15.09
C GLY A 312 -25.52 -14.88 -14.27
N GLN A 313 -24.27 -14.51 -14.57
CA GLN A 313 -23.60 -13.42 -13.88
C GLN A 313 -23.89 -13.55 -12.38
N ARG A 314 -23.44 -14.66 -11.83
CA ARG A 314 -23.84 -15.04 -10.48
C ARG A 314 -23.01 -14.40 -9.38
N TYR A 315 -21.80 -13.97 -9.74
CA TYR A 315 -20.84 -13.41 -8.79
C TYR A 315 -20.62 -14.34 -7.62
N ASN A 316 -20.69 -15.63 -7.94
CA ASN A 316 -20.35 -16.68 -6.99
C ASN A 316 -18.87 -17.00 -6.98
N GLU A 317 -18.55 -18.04 -6.24
CA GLU A 317 -17.17 -18.36 -5.93
C GLU A 317 -16.43 -18.73 -7.21
N VAL A 318 -17.18 -19.36 -8.13
CA VAL A 318 -16.70 -19.80 -9.44
C VAL A 318 -16.39 -18.61 -10.33
N MET A 319 -17.30 -17.64 -10.34
CA MET A 319 -17.12 -16.41 -11.10
C MET A 319 -15.94 -15.59 -10.58
N ALA A 320 -15.77 -15.55 -9.27
CA ALA A 320 -14.70 -14.75 -8.69
C ALA A 320 -13.37 -15.29 -9.18
N THR A 321 -13.24 -16.61 -9.10
CA THR A 321 -11.99 -17.25 -9.52
C THR A 321 -11.72 -16.95 -10.99
N TYR A 322 -12.78 -17.02 -11.80
CA TYR A 322 -12.66 -16.75 -13.22
C TYR A 322 -12.10 -15.36 -13.48
N LEU A 323 -12.72 -14.36 -12.87
CA LEU A 323 -12.31 -12.99 -13.13
C LEU A 323 -10.93 -12.71 -12.57
N LEU A 324 -10.64 -13.28 -11.41
CA LEU A 324 -9.34 -13.03 -10.76
C LEU A 324 -8.14 -13.62 -11.51
N LEU A 325 -8.39 -14.61 -12.38
CA LEU A 325 -7.37 -15.08 -13.29
C LEU A 325 -7.23 -14.14 -14.51
N GLY A 326 -7.16 -12.84 -14.25
CA GLY A 326 -6.89 -11.87 -15.30
C GLY A 326 -5.58 -11.14 -15.03
N GLY B 15 7.36 -14.88 29.21
CA GLY B 15 7.31 -14.40 30.58
C GLY B 15 6.32 -13.26 30.84
N ASN B 16 6.72 -12.05 30.45
CA ASN B 16 5.93 -10.82 30.62
C ASN B 16 5.04 -10.54 29.39
N TYR B 17 4.86 -11.57 28.55
CA TYR B 17 4.17 -11.48 27.26
C TYR B 17 3.22 -12.66 27.09
N ARG B 18 2.04 -12.42 26.52
CA ARG B 18 1.15 -13.48 26.05
C ARG B 18 1.47 -13.90 24.62
N LEU B 19 1.82 -15.16 24.39
CA LEU B 19 2.07 -15.61 23.02
C LEU B 19 0.76 -15.82 22.27
N LEU B 20 0.67 -15.29 21.05
CA LEU B 20 -0.56 -15.44 20.30
C LEU B 20 -0.46 -16.51 19.22
N LYS B 21 0.41 -16.31 18.23
CA LYS B 21 0.57 -17.28 17.15
C LYS B 21 1.97 -17.29 16.58
N THR B 22 2.31 -18.37 15.89
CA THR B 22 3.60 -18.47 15.20
C THR B 22 3.54 -17.71 13.88
N ILE B 23 4.52 -16.84 13.67
CA ILE B 23 4.56 -16.04 12.46
C ILE B 23 5.82 -16.37 11.63
N GLY B 24 6.69 -17.19 12.21
CA GLY B 24 7.95 -17.56 11.58
C GLY B 24 8.58 -18.82 12.17
N LYS B 25 9.13 -19.67 11.31
CA LYS B 25 9.71 -20.93 11.76
C LYS B 25 10.93 -21.32 10.91
N GLY B 26 12.03 -21.61 11.57
CA GLY B 26 13.25 -22.05 10.89
C GLY B 26 13.89 -23.19 11.67
N ASN B 27 15.12 -23.54 11.28
CA ASN B 27 15.85 -24.66 11.88
C ASN B 27 15.65 -24.77 13.39
N PHE B 28 16.32 -23.89 14.14
CA PHE B 28 16.03 -23.76 15.57
C PHE B 28 15.82 -22.30 15.99
N ALA B 29 15.02 -21.59 15.21
CA ALA B 29 14.48 -20.30 15.62
C ALA B 29 13.05 -20.20 15.09
N LYS B 30 12.07 -20.02 15.98
CA LYS B 30 10.72 -19.70 15.51
C LYS B 30 10.29 -18.36 16.06
N VAL B 31 9.48 -17.62 15.30
CA VAL B 31 9.02 -16.31 15.73
C VAL B 31 7.53 -16.30 16.03
N LYS B 32 7.16 -15.68 17.15
CA LYS B 32 5.78 -15.64 17.58
C LYS B 32 5.30 -14.21 17.69
N LEU B 33 4.08 -13.95 17.24
CA LEU B 33 3.40 -12.71 17.60
C LEU B 33 2.99 -12.82 19.06
N ALA B 34 3.19 -11.75 19.82
CA ALA B 34 2.88 -11.78 21.26
C ALA B 34 2.28 -10.47 21.71
N ARG B 35 1.55 -10.52 22.82
CA ARG B 35 1.10 -9.28 23.43
C ARG B 35 1.91 -8.94 24.67
N HIS B 36 2.49 -7.75 24.68
CA HIS B 36 3.12 -7.23 25.87
C HIS B 36 2.02 -6.92 26.86
N ILE B 37 2.06 -7.59 28.00
CA ILE B 37 0.96 -7.53 28.95
C ILE B 37 0.74 -6.17 29.62
N LEU B 38 1.79 -5.41 29.90
CA LEU B 38 1.57 -4.12 30.56
C LEU B 38 1.11 -2.97 29.65
N THR B 39 1.43 -3.06 28.36
CA THR B 39 1.17 -1.97 27.42
C THR B 39 0.14 -2.36 26.38
N GLY B 40 -0.09 -3.66 26.26
CA GLY B 40 -1.02 -4.17 25.28
C GLY B 40 -0.49 -4.17 23.87
N LYS B 41 0.70 -3.60 23.66
CA LYS B 41 1.28 -3.55 22.31
C LYS B 41 1.74 -4.94 21.80
N GLU B 42 1.55 -5.16 20.50
CA GLU B 42 2.03 -6.38 19.83
C GLU B 42 3.54 -6.36 19.56
N VAL B 43 4.16 -7.51 19.78
CA VAL B 43 5.59 -7.64 19.58
C VAL B 43 5.93 -8.97 18.88
N ALA B 44 7.11 -9.02 18.28
CA ALA B 44 7.58 -10.24 17.66
C ALA B 44 8.62 -10.80 18.59
N VAL B 45 8.48 -12.09 18.94
CA VAL B 45 9.45 -12.76 19.79
C VAL B 45 10.14 -13.89 19.02
N LYS B 46 11.42 -13.71 18.71
CA LYS B 46 12.25 -14.77 18.18
C LYS B 46 12.69 -15.68 19.33
N ILE B 47 12.37 -16.95 19.23
CA ILE B 47 12.71 -17.92 20.28
C ILE B 47 13.81 -18.82 19.79
N ILE B 48 14.94 -18.86 20.49
CA ILE B 48 16.03 -19.73 20.06
C ILE B 48 16.38 -20.78 21.09
N ASP B 49 16.22 -22.04 20.71
CA ASP B 49 16.61 -23.16 21.55
C ASP B 49 18.10 -23.44 21.39
N LYS B 50 18.87 -23.05 22.40
CA LYS B 50 20.33 -23.07 22.33
C LYS B 50 20.91 -24.47 22.52
N THR B 51 20.11 -25.36 23.11
CA THR B 51 20.56 -26.74 23.38
C THR B 51 20.83 -27.40 22.04
N GLN B 52 20.06 -26.97 21.03
CA GLN B 52 20.11 -27.55 19.69
C GLN B 52 21.24 -27.04 18.82
N LEU B 53 21.85 -25.92 19.19
CA LEU B 53 22.84 -25.29 18.32
C LEU B 53 24.26 -25.86 18.46
N ASN B 54 24.99 -25.77 17.35
CA ASN B 54 26.44 -26.01 17.33
C ASN B 54 27.19 -24.70 17.49
N SER B 55 28.50 -24.78 17.50
CA SER B 55 29.32 -23.61 17.83
C SER B 55 29.20 -22.40 16.90
N SER B 56 29.14 -22.63 15.60
CA SER B 56 29.15 -21.50 14.70
C SER B 56 27.80 -20.81 14.74
N SER B 57 26.76 -21.60 14.99
CA SER B 57 25.41 -21.06 15.12
C SER B 57 25.35 -20.21 16.37
N LEU B 58 25.87 -20.75 17.48
CA LEU B 58 25.96 -20.00 18.72
C LEU B 58 26.71 -18.69 18.48
N GLN B 59 27.85 -18.79 17.82
CA GLN B 59 28.59 -17.61 17.43
C GLN B 59 27.72 -16.58 16.70
N LYS B 60 26.89 -17.04 15.76
CA LYS B 60 26.04 -16.15 14.98
C LYS B 60 24.88 -15.55 15.79
N LEU B 61 24.30 -16.34 16.69
CA LEU B 61 23.27 -15.87 17.59
C LEU B 61 23.81 -14.72 18.43
N PHE B 62 24.93 -14.99 19.07
CA PHE B 62 25.57 -13.99 19.91
C PHE B 62 25.92 -12.74 19.15
N ARG B 63 26.20 -12.89 17.87
CA ARG B 63 26.48 -11.74 17.04
C ARG B 63 25.17 -10.97 16.77
N GLU B 64 24.09 -11.70 16.53
CA GLU B 64 22.79 -11.06 16.32
C GLU B 64 22.42 -10.15 17.51
N VAL B 65 22.59 -10.66 18.73
CA VAL B 65 22.25 -9.91 19.93
C VAL B 65 23.10 -8.62 20.02
N ARG B 66 24.39 -8.77 19.76
CA ARG B 66 25.33 -7.67 19.82
C ARG B 66 24.84 -6.61 18.87
N ILE B 67 24.49 -7.04 17.66
CA ILE B 67 23.94 -6.14 16.66
C ILE B 67 22.63 -5.48 17.09
N MET B 68 21.64 -6.29 17.49
CA MET B 68 20.31 -5.77 17.84
C MET B 68 20.35 -4.70 18.90
N LYS B 69 21.31 -4.84 19.80
CA LYS B 69 21.41 -3.92 20.93
C LYS B 69 21.96 -2.59 20.49
N VAL B 70 22.56 -2.56 19.32
CA VAL B 70 23.21 -1.35 18.84
C VAL B 70 22.38 -0.58 17.81
N LEU B 71 21.45 -1.27 17.15
CA LEU B 71 20.71 -0.65 16.04
C LEU B 71 19.42 0.04 16.46
N ASN B 72 19.31 1.31 16.10
CA ASN B 72 18.14 2.12 16.41
C ASN B 72 17.75 3.02 15.24
N HIS B 73 17.06 2.42 14.26
CA HIS B 73 16.74 3.07 12.98
C HIS B 73 15.27 2.84 12.67
N PRO B 74 14.58 3.87 12.17
CA PRO B 74 13.17 3.73 11.80
C PRO B 74 12.86 2.60 10.80
N ASN B 75 13.84 2.12 10.04
CA ASN B 75 13.57 1.03 9.10
C ASN B 75 14.27 -0.29 9.37
N ILE B 76 14.79 -0.41 10.58
CA ILE B 76 15.29 -1.70 11.03
C ILE B 76 14.48 -2.07 12.25
N VAL B 77 13.93 -3.29 12.29
CA VAL B 77 13.09 -3.64 13.44
C VAL B 77 13.86 -3.56 14.76
N LYS B 78 13.23 -2.95 15.77
CA LYS B 78 13.96 -2.55 16.95
C LYS B 78 13.90 -3.62 18.02
N LEU B 79 15.00 -3.79 18.75
CA LEU B 79 15.03 -4.72 19.86
C LEU B 79 14.43 -4.03 21.12
N PHE B 80 13.62 -4.76 21.90
CA PHE B 80 13.05 -4.20 23.14
C PHE B 80 13.53 -4.94 24.38
N GLU B 81 13.86 -6.21 24.24
CA GLU B 81 14.20 -7.00 25.42
C GLU B 81 14.94 -8.29 25.06
N VAL B 82 15.94 -8.64 25.86
CA VAL B 82 16.50 -9.98 25.79
C VAL B 82 16.23 -10.75 27.07
N ILE B 83 15.70 -11.95 26.89
CA ILE B 83 15.46 -12.85 27.98
C ILE B 83 16.40 -14.04 27.77
N GLU B 84 17.39 -14.21 28.65
CA GLU B 84 18.28 -15.37 28.54
C GLU B 84 18.01 -16.40 29.61
N THR B 85 17.99 -17.65 29.21
CA THR B 85 18.06 -18.73 30.18
C THR B 85 19.29 -19.52 29.75
N GLU B 86 19.48 -20.71 30.31
CA GLU B 86 20.63 -21.49 29.92
C GLU B 86 20.33 -22.28 28.65
N LYS B 87 19.07 -22.65 28.46
CA LYS B 87 18.68 -23.51 27.34
C LYS B 87 18.06 -22.72 26.20
N THR B 88 17.65 -21.49 26.49
CA THR B 88 16.80 -20.74 25.55
C THR B 88 17.06 -19.24 25.59
N LEU B 89 17.01 -18.63 24.41
CA LEU B 89 17.16 -17.19 24.29
C LEU B 89 15.91 -16.59 23.66
N TYR B 90 15.44 -15.46 24.20
CA TYR B 90 14.27 -14.74 23.66
C TYR B 90 14.61 -13.31 23.25
N LEU B 91 14.50 -13.02 21.95
CA LEU B 91 14.66 -11.67 21.47
C LEU B 91 13.29 -11.07 21.23
N VAL B 92 12.93 -10.06 22.02
CA VAL B 92 11.65 -9.40 21.84
C VAL B 92 11.84 -8.14 21.04
N MET B 93 11.26 -8.12 19.85
CA MET B 93 11.40 -6.96 18.96
C MET B 93 10.10 -6.46 18.38
N GLU B 94 10.25 -5.37 17.65
CA GLU B 94 9.18 -4.69 16.95
C GLU B 94 8.51 -5.66 15.99
N TYR B 95 7.20 -5.52 15.81
CA TYR B 95 6.42 -6.38 14.91
C TYR B 95 6.04 -5.62 13.65
N ALA B 96 6.44 -6.14 12.50
CA ALA B 96 6.11 -5.55 11.20
C ALA B 96 4.87 -6.23 10.60
N SER B 97 3.71 -5.58 10.81
CA SER B 97 2.40 -6.16 10.48
C SER B 97 2.13 -6.34 8.98
N GLY B 98 2.88 -5.65 8.12
CA GLY B 98 2.75 -5.81 6.69
C GLY B 98 3.34 -7.08 6.08
N GLY B 99 4.10 -7.85 6.87
CA GLY B 99 4.78 -9.02 6.34
C GLY B 99 5.90 -8.70 5.37
N GLU B 100 6.13 -9.61 4.43
CA GLU B 100 7.23 -9.48 3.49
C GLU B 100 6.90 -8.61 2.29
N VAL B 101 7.93 -7.99 1.73
CA VAL B 101 7.83 -7.24 0.49
C VAL B 101 7.61 -8.18 -0.70
N PHE B 102 8.27 -9.34 -0.66
CA PHE B 102 7.99 -10.42 -1.60
C PHE B 102 6.49 -10.52 -1.87
N ASP B 103 5.69 -10.61 -0.81
CA ASP B 103 4.23 -10.69 -0.93
C ASP B 103 3.71 -9.57 -1.79
N TYR B 104 4.04 -8.34 -1.43
CA TYR B 104 3.54 -7.22 -2.20
C TYR B 104 3.78 -7.47 -3.70
N LEU B 105 4.95 -7.99 -4.02
CA LEU B 105 5.36 -8.20 -5.41
C LEU B 105 4.55 -9.26 -6.11
N VAL B 106 4.29 -10.37 -5.43
CA VAL B 106 3.39 -11.41 -5.96
C VAL B 106 2.00 -10.82 -6.21
N ALA B 107 1.51 -10.02 -5.29
CA ALA B 107 0.23 -9.35 -5.50
C ALA B 107 0.23 -8.49 -6.77
N HIS B 108 1.23 -7.63 -6.91
CA HIS B 108 1.17 -6.57 -7.89
C HIS B 108 2.20 -6.60 -8.99
N GLY B 109 2.77 -7.78 -9.26
CA GLY B 109 3.82 -7.91 -10.25
C GLY B 109 5.11 -7.22 -9.82
N ARG B 110 5.11 -5.89 -9.85
CA ARG B 110 6.32 -5.12 -9.60
C ARG B 110 5.95 -3.78 -9.01
N MET B 111 6.94 -3.06 -8.51
CA MET B 111 6.67 -1.73 -8.00
C MET B 111 6.91 -0.66 -9.07
N LYS B 112 5.99 0.28 -9.14
CA LYS B 112 6.17 1.44 -9.97
C LYS B 112 7.43 2.09 -9.41
N GLU B 113 8.23 2.75 -10.26
CA GLU B 113 9.48 3.32 -9.79
C GLU B 113 9.31 4.28 -8.62
N LYS B 114 8.24 5.06 -8.64
CA LYS B 114 8.01 6.05 -7.58
C LYS B 114 7.79 5.39 -6.21
N GLU B 115 7.06 4.28 -6.21
CA GLU B 115 6.87 3.54 -4.98
C GLU B 115 8.13 2.77 -4.60
N ALA B 116 8.80 2.20 -5.60
CA ALA B 116 10.06 1.50 -5.33
C ALA B 116 11.04 2.42 -4.62
N ARG B 117 11.10 3.69 -5.06
CA ARG B 117 12.05 4.66 -4.52
C ARG B 117 11.77 4.98 -3.04
N ALA B 118 10.49 5.14 -2.72
CA ALA B 118 10.11 5.36 -1.36
C ALA B 118 10.71 4.24 -0.53
N LYS B 119 10.51 3.01 -0.98
CA LYS B 119 10.99 1.85 -0.26
C LYS B 119 12.53 1.74 -0.20
N PHE B 120 13.17 2.03 -1.32
CA PHE B 120 14.62 1.88 -1.44
C PHE B 120 15.46 2.93 -0.70
N ARG B 121 14.92 4.15 -0.59
CA ARG B 121 15.56 5.21 0.21
C ARG B 121 15.68 4.78 1.68
N GLN B 122 14.65 4.11 2.16
CA GLN B 122 14.65 3.55 3.51
C GLN B 122 15.63 2.40 3.64
N ILE B 123 15.62 1.51 2.67
CA ILE B 123 16.53 0.38 2.71
C ILE B 123 17.97 0.85 2.64
N VAL B 124 18.25 1.85 1.82
CA VAL B 124 19.61 2.31 1.71
C VAL B 124 20.03 3.02 2.99
N SER B 125 19.16 3.87 3.50
CA SER B 125 19.43 4.54 4.75
C SER B 125 19.76 3.50 5.84
N ALA B 126 18.86 2.53 6.01
CA ALA B 126 19.03 1.49 7.01
C ALA B 126 20.38 0.79 6.93
N VAL B 127 20.70 0.23 5.77
CA VAL B 127 21.96 -0.49 5.55
C VAL B 127 23.18 0.40 5.69
N GLN B 128 23.11 1.60 5.13
CA GLN B 128 24.24 2.51 5.27
C GLN B 128 24.51 2.89 6.75
N TYR B 129 23.42 3.04 7.52
CA TYR B 129 23.51 3.21 8.96
C TYR B 129 24.27 2.05 9.63
N CYS B 130 24.01 0.83 9.19
CA CYS B 130 24.69 -0.31 9.76
C CYS B 130 26.15 -0.15 9.52
N HIS B 131 26.45 0.23 8.29
CA HIS B 131 27.82 0.40 7.86
C HIS B 131 28.56 1.42 8.70
N GLN B 132 27.87 2.52 9.03
CA GLN B 132 28.40 3.51 9.96
C GLN B 132 28.99 2.79 11.15
N LYS B 133 28.17 1.95 11.78
CA LYS B 133 28.58 1.19 12.96
C LYS B 133 29.35 -0.11 12.65
N PHE B 134 29.95 -0.18 11.46
CA PHE B 134 30.79 -1.30 11.07
C PHE B 134 30.07 -2.63 11.15
N ILE B 135 28.75 -2.59 11.01
CA ILE B 135 28.00 -3.81 10.90
C ILE B 135 27.69 -4.03 9.44
N VAL B 136 28.02 -5.23 8.95
CA VAL B 136 27.67 -5.67 7.60
C VAL B 136 26.74 -6.86 7.71
N HIS B 137 25.57 -6.77 7.08
CA HIS B 137 24.64 -7.91 7.06
C HIS B 137 25.24 -9.13 6.38
N ARG B 138 25.88 -8.90 5.23
CA ARG B 138 26.49 -9.98 4.46
C ARG B 138 25.51 -11.02 3.92
N ASP B 139 24.21 -10.86 4.16
CA ASP B 139 23.25 -11.80 3.59
C ASP B 139 21.85 -11.27 3.26
N LEU B 140 21.73 -10.02 2.85
CA LEU B 140 20.43 -9.47 2.48
C LEU B 140 19.73 -10.31 1.39
N LYS B 141 18.44 -10.61 1.62
CA LYS B 141 17.58 -11.34 0.68
C LYS B 141 16.17 -10.80 0.82
N ALA B 142 15.23 -11.42 0.11
CA ALA B 142 13.82 -11.00 0.18
C ALA B 142 13.26 -11.04 1.61
N GLU B 143 13.50 -12.15 2.30
CA GLU B 143 12.93 -12.33 3.62
C GLU B 143 13.43 -11.31 4.64
N ASN B 144 14.44 -10.52 4.29
CA ASN B 144 14.93 -9.51 5.25
C ASN B 144 14.13 -8.21 5.20
N LEU B 145 13.30 -8.09 4.18
CA LEU B 145 12.55 -6.88 3.94
C LEU B 145 11.11 -7.07 4.31
N LEU B 146 10.71 -6.43 5.40
CA LEU B 146 9.37 -6.52 5.93
C LEU B 146 8.72 -5.14 5.92
N LEU B 147 7.40 -5.13 6.08
CA LEU B 147 6.62 -3.91 5.94
C LEU B 147 5.84 -3.66 7.21
N ASP B 148 5.80 -2.41 7.66
CA ASP B 148 4.96 -2.10 8.79
C ASP B 148 3.52 -1.82 8.30
N ALA B 149 2.67 -1.30 9.17
CA ALA B 149 1.26 -1.09 8.84
C ALA B 149 1.06 -0.03 7.76
N ASP B 150 1.78 1.09 7.90
CA ASP B 150 1.76 2.18 6.93
C ASP B 150 2.68 1.88 5.76
N MET B 151 3.15 0.64 5.69
CA MET B 151 3.82 0.15 4.50
C MET B 151 5.31 0.53 4.41
N ASN B 152 5.91 0.99 5.52
CA ASN B 152 7.33 1.32 5.60
C ASN B 152 8.20 0.07 5.71
N ILE B 153 9.44 0.20 5.27
CA ILE B 153 10.40 -0.91 5.32
C ILE B 153 10.89 -1.20 6.74
N LYS B 154 11.00 -2.48 7.04
CA LYS B 154 11.53 -2.93 8.31
C LYS B 154 12.49 -4.08 8.04
N ILE B 155 13.78 -3.84 8.20
CA ILE B 155 14.76 -4.91 7.99
C ILE B 155 14.83 -5.78 9.23
N ALA B 156 14.87 -7.10 9.02
CA ALA B 156 14.52 -8.03 10.07
C ALA B 156 15.61 -8.97 10.60
N ASP B 157 16.11 -9.86 9.76
CA ASP B 157 16.87 -10.96 10.35
C ASP B 157 18.41 -10.79 10.33
N PHE B 158 18.97 -10.46 11.47
CA PHE B 158 20.42 -10.40 11.61
C PHE B 158 21.04 -11.69 12.17
N GLY B 159 20.26 -12.76 12.17
CA GLY B 159 20.74 -14.02 12.68
C GLY B 159 21.03 -15.05 11.62
N PHE B 160 21.63 -16.16 12.03
CA PHE B 160 21.75 -17.33 11.19
C PHE B 160 20.63 -17.50 10.14
N CYS B 174 15.55 -21.81 0.40
CA CYS B 174 16.88 -21.30 0.04
C CYS B 174 16.96 -20.46 -1.27
N GLY B 175 16.93 -19.13 -1.09
CA GLY B 175 17.16 -18.18 -2.17
C GLY B 175 18.16 -17.10 -1.75
N SER B 176 19.37 -17.53 -1.37
CA SER B 176 20.48 -16.64 -1.09
C SER B 176 21.49 -16.61 -2.26
N PRO B 177 21.58 -17.71 -3.03
CA PRO B 177 22.38 -17.70 -4.24
C PRO B 177 22.20 -16.46 -5.13
N PRO B 178 20.97 -16.16 -5.57
CA PRO B 178 20.85 -15.04 -6.51
C PRO B 178 21.30 -13.67 -5.96
N TYR B 179 21.43 -13.54 -4.64
CA TYR B 179 21.97 -12.31 -4.09
C TYR B 179 23.47 -12.42 -3.79
N ALA B 180 24.08 -13.51 -4.22
CA ALA B 180 25.51 -13.69 -4.04
C ALA B 180 26.25 -12.73 -4.94
N ALA B 181 27.18 -12.00 -4.35
CA ALA B 181 28.07 -11.09 -5.07
C ALA B 181 29.15 -11.93 -5.75
N PRO B 182 29.67 -11.45 -6.89
CA PRO B 182 30.52 -12.26 -7.76
C PRO B 182 31.75 -12.86 -7.08
N GLU B 183 32.36 -12.14 -6.15
CA GLU B 183 33.53 -12.63 -5.41
C GLU B 183 33.30 -13.95 -4.67
N LEU B 184 32.06 -14.22 -4.27
CA LEU B 184 31.71 -15.50 -3.69
C LEU B 184 32.16 -16.63 -4.60
N PHE B 185 31.96 -16.47 -5.90
CA PHE B 185 32.34 -17.51 -6.84
C PHE B 185 33.74 -17.37 -7.38
N GLN B 186 34.60 -16.67 -6.66
CA GLN B 186 35.93 -16.44 -7.18
C GLN B 186 37.02 -16.73 -6.17
N GLY B 187 36.67 -17.44 -5.10
CA GLY B 187 37.63 -17.76 -4.07
C GLY B 187 38.11 -16.52 -3.31
N LYS B 188 37.52 -15.37 -3.63
CA LYS B 188 37.94 -14.11 -3.02
C LYS B 188 37.25 -13.91 -1.67
N LYS B 189 37.94 -13.25 -0.75
CA LYS B 189 37.35 -12.97 0.56
C LYS B 189 35.94 -12.38 0.38
N TYR B 190 35.10 -12.48 1.39
CA TYR B 190 33.69 -12.11 1.24
C TYR B 190 33.16 -11.46 2.53
N ASP B 191 33.78 -10.34 2.90
CA ASP B 191 33.58 -9.78 4.22
C ASP B 191 33.13 -8.32 4.25
N GLY B 192 33.25 -7.61 3.12
CA GLY B 192 33.11 -6.17 3.15
C GLY B 192 31.73 -5.55 3.10
N PRO B 193 31.63 -4.25 3.43
CA PRO B 193 30.36 -3.56 3.20
C PRO B 193 29.96 -3.63 1.72
N GLU B 194 30.93 -3.86 0.83
CA GLU B 194 30.64 -3.88 -0.60
C GLU B 194 29.83 -5.12 -0.96
N VAL B 195 29.94 -6.14 -0.14
CA VAL B 195 29.06 -7.28 -0.30
C VAL B 195 27.60 -6.83 -0.19
N ASP B 196 27.29 -5.99 0.79
CA ASP B 196 25.93 -5.51 0.94
C ASP B 196 25.49 -4.68 -0.24
N VAL B 197 26.44 -3.92 -0.76
CA VAL B 197 26.18 -3.03 -1.87
C VAL B 197 25.71 -3.78 -3.11
N TRP B 198 26.34 -4.91 -3.40
CA TRP B 198 25.93 -5.75 -4.50
C TRP B 198 24.53 -6.28 -4.23
N SER B 199 24.32 -6.80 -3.02
CA SER B 199 23.01 -7.31 -2.65
C SER B 199 21.90 -6.27 -2.88
N LEU B 200 22.14 -5.05 -2.44
CA LEU B 200 21.19 -3.98 -2.65
C LEU B 200 20.79 -3.78 -4.12
N GLY B 201 21.77 -3.77 -5.03
CA GLY B 201 21.47 -3.75 -6.45
C GLY B 201 20.52 -4.86 -6.90
N VAL B 202 20.74 -6.09 -6.45
CA VAL B 202 19.84 -7.17 -6.84
C VAL B 202 18.43 -6.83 -6.37
N ILE B 203 18.38 -6.33 -5.14
CA ILE B 203 17.13 -5.92 -4.50
C ILE B 203 16.44 -4.81 -5.30
N LEU B 204 17.19 -3.78 -5.67
CA LEU B 204 16.60 -2.71 -6.46
C LEU B 204 15.91 -3.32 -7.67
N TYR B 205 16.66 -4.14 -8.39
CA TYR B 205 16.20 -4.74 -9.63
C TYR B 205 14.96 -5.58 -9.42
N THR B 206 14.90 -6.38 -8.36
CA THR B 206 13.70 -7.19 -8.17
C THR B 206 12.48 -6.30 -7.88
N LEU B 207 12.66 -5.29 -7.02
CA LEU B 207 11.61 -4.31 -6.71
C LEU B 207 10.96 -3.66 -7.95
N VAL B 208 11.77 -3.30 -8.93
CA VAL B 208 11.27 -2.60 -10.09
C VAL B 208 10.93 -3.51 -11.27
N SER B 209 11.38 -4.75 -11.23
CA SER B 209 11.12 -5.62 -12.38
C SER B 209 10.28 -6.81 -11.95
N GLY B 210 10.17 -6.99 -10.64
CA GLY B 210 9.45 -8.12 -10.11
C GLY B 210 10.14 -9.46 -10.34
N SER B 211 11.31 -9.45 -10.95
CA SER B 211 12.10 -10.66 -11.11
C SER B 211 13.56 -10.43 -10.75
N LEU B 212 14.30 -11.51 -10.54
CA LEU B 212 15.71 -11.44 -10.18
C LEU B 212 16.58 -11.15 -11.39
N PRO B 213 17.61 -10.31 -11.20
CA PRO B 213 18.53 -9.94 -12.29
C PRO B 213 19.30 -11.14 -12.82
N PHE B 214 19.81 -11.97 -11.92
CA PHE B 214 20.56 -13.16 -12.31
C PHE B 214 19.88 -14.42 -11.82
N ASP B 215 19.34 -15.20 -12.74
CA ASP B 215 18.76 -16.47 -12.37
C ASP B 215 19.37 -17.57 -13.22
N GLY B 216 19.27 -18.81 -12.75
CA GLY B 216 19.74 -19.94 -13.51
C GLY B 216 18.86 -21.15 -13.28
N GLN B 217 19.21 -22.23 -13.97
CA GLN B 217 18.48 -23.48 -13.88
C GLN B 217 19.30 -24.43 -13.04
N ASN B 218 20.53 -24.00 -12.74
CA ASN B 218 21.38 -24.66 -11.77
C ASN B 218 22.46 -23.68 -11.32
N LEU B 219 23.28 -24.12 -10.38
CA LEU B 219 24.28 -23.23 -9.81
C LEU B 219 25.39 -22.79 -10.78
N LYS B 220 25.77 -23.65 -11.73
CA LYS B 220 26.81 -23.28 -12.69
C LYS B 220 26.27 -22.20 -13.61
N GLU B 221 25.00 -22.31 -13.94
CA GLU B 221 24.38 -21.35 -14.82
C GLU B 221 24.28 -20.03 -14.09
N LEU B 222 23.72 -20.09 -12.88
CA LEU B 222 23.59 -18.89 -12.07
C LEU B 222 24.92 -18.18 -11.98
N ARG B 223 25.93 -18.93 -11.58
CA ARG B 223 27.30 -18.44 -11.46
C ARG B 223 27.85 -17.74 -12.72
N GLU B 224 27.64 -18.32 -13.89
CA GLU B 224 28.17 -17.72 -15.12
C GLU B 224 27.57 -16.34 -15.34
N ARG B 225 26.32 -16.19 -14.89
CA ARG B 225 25.58 -14.96 -15.02
C ARG B 225 25.99 -13.92 -13.96
N VAL B 226 26.14 -14.35 -12.71
CA VAL B 226 26.60 -13.42 -11.69
C VAL B 226 27.99 -12.91 -12.05
N LEU B 227 28.83 -13.78 -12.59
CA LEU B 227 30.20 -13.41 -12.90
C LEU B 227 30.32 -12.56 -14.15
N ARG B 228 29.40 -12.79 -15.08
CA ARG B 228 29.36 -12.02 -16.32
C ARG B 228 28.72 -10.67 -16.07
N GLY B 229 27.86 -10.62 -15.06
CA GLY B 229 27.35 -9.37 -14.51
C GLY B 229 26.28 -8.68 -15.34
N LYS B 230 25.85 -9.32 -16.41
CA LYS B 230 24.89 -8.69 -17.32
C LYS B 230 23.49 -9.18 -17.02
N TYR B 231 22.58 -8.22 -16.93
CA TYR B 231 21.21 -8.47 -16.56
C TYR B 231 20.36 -7.88 -17.67
N ARG B 232 19.16 -8.40 -17.87
CA ARG B 232 18.28 -7.86 -18.92
C ARG B 232 17.66 -6.54 -18.43
N ILE B 233 17.60 -5.53 -19.31
CA ILE B 233 16.93 -4.29 -18.96
C ILE B 233 15.49 -4.37 -19.39
N PRO B 234 14.57 -4.29 -18.41
CA PRO B 234 13.14 -4.33 -18.77
C PRO B 234 12.81 -3.11 -19.61
N PHE B 235 11.96 -3.27 -20.62
CA PHE B 235 11.71 -2.19 -21.54
C PHE B 235 11.14 -0.99 -20.78
N TYR B 236 10.44 -1.26 -19.68
CA TYR B 236 9.76 -0.17 -18.95
C TYR B 236 10.69 0.63 -18.05
N MET B 237 11.78 0.02 -17.63
CA MET B 237 12.68 0.74 -16.74
C MET B 237 13.11 2.11 -17.26
N SER B 238 13.20 3.09 -16.36
CA SER B 238 13.75 4.41 -16.69
C SER B 238 15.27 4.33 -16.76
N THR B 239 15.87 5.11 -17.62
CA THR B 239 17.31 5.10 -17.78
C THR B 239 17.99 5.54 -16.51
N ASP B 240 17.33 6.44 -15.77
CA ASP B 240 17.83 6.89 -14.46
C ASP B 240 18.01 5.71 -13.50
N CYS B 241 17.00 4.84 -13.47
CA CYS B 241 17.06 3.64 -12.64
C CYS B 241 18.17 2.64 -12.99
N GLU B 242 18.36 2.36 -14.28
CA GLU B 242 19.39 1.44 -14.70
C GLU B 242 20.75 2.02 -14.40
N ASN B 243 20.81 3.32 -14.53
CA ASN B 243 22.04 4.03 -14.29
C ASN B 243 22.50 3.89 -12.84
N LEU B 244 21.52 3.89 -11.93
CA LEU B 244 21.78 3.63 -10.52
C LEU B 244 22.13 2.15 -10.29
N LEU B 245 21.42 1.24 -10.95
CA LEU B 245 21.76 -0.17 -10.89
C LEU B 245 23.23 -0.39 -11.21
N LYS B 246 23.73 0.35 -12.18
CA LYS B 246 25.12 0.20 -12.60
C LYS B 246 26.10 0.57 -11.47
N LYS B 247 25.67 1.40 -10.53
CA LYS B 247 26.53 1.77 -9.42
C LYS B 247 26.60 0.72 -8.32
N PHE B 248 25.57 -0.13 -8.23
CA PHE B 248 25.56 -1.28 -7.33
C PHE B 248 26.24 -2.50 -7.91
N LEU B 249 25.81 -2.89 -9.11
CA LEU B 249 26.20 -4.16 -9.69
C LEU B 249 27.51 -4.05 -10.45
N ILE B 250 28.59 -3.90 -9.69
CA ILE B 250 29.93 -3.80 -10.23
C ILE B 250 30.71 -5.05 -9.88
N LEU B 251 31.31 -5.70 -10.88
CA LEU B 251 32.02 -6.95 -10.68
C LEU B 251 33.16 -6.80 -9.68
N ASN B 252 33.95 -5.75 -9.86
CA ASN B 252 35.11 -5.52 -9.03
C ASN B 252 34.70 -4.91 -7.68
N PRO B 253 34.80 -5.71 -6.60
CA PRO B 253 34.33 -5.22 -5.30
C PRO B 253 35.06 -3.96 -4.79
N SER B 254 36.34 -3.83 -5.11
CA SER B 254 37.09 -2.66 -4.68
C SER B 254 36.69 -1.45 -5.51
N LYS B 255 36.09 -1.71 -6.65
CA LYS B 255 35.68 -0.65 -7.57
C LYS B 255 34.18 -0.38 -7.39
N ARG B 256 33.60 -0.99 -6.36
CA ARG B 256 32.21 -0.74 -5.97
C ARG B 256 32.21 0.43 -5.02
N GLY B 257 31.20 1.29 -5.16
CA GLY B 257 31.14 2.53 -4.40
C GLY B 257 30.46 2.39 -3.06
N THR B 258 30.66 3.38 -2.19
CA THR B 258 29.99 3.37 -0.90
C THR B 258 28.51 3.74 -1.03
N LEU B 259 27.73 3.38 -0.02
CA LEU B 259 26.33 3.79 0.04
C LEU B 259 26.23 5.29 0.25
N GLU B 260 27.24 5.88 0.87
CA GLU B 260 27.26 7.33 1.03
C GLU B 260 27.22 8.02 -0.33
N GLN B 261 28.02 7.52 -1.27
CA GLN B 261 28.08 8.14 -2.59
C GLN B 261 26.82 7.84 -3.39
N ILE B 262 26.36 6.59 -3.30
CA ILE B 262 25.17 6.16 -4.01
C ILE B 262 23.94 6.97 -3.60
N MET B 263 23.95 7.51 -2.38
CA MET B 263 22.86 8.33 -1.86
C MET B 263 22.67 9.63 -2.64
N LYS B 264 23.74 10.11 -3.27
CA LYS B 264 23.67 11.35 -4.03
C LYS B 264 23.05 11.17 -5.42
N ASP B 265 22.89 9.91 -5.81
CA ASP B 265 22.40 9.52 -7.12
C ASP B 265 21.08 10.20 -7.48
N ARG B 266 20.91 10.48 -8.75
CA ARG B 266 19.75 11.19 -9.27
C ARG B 266 18.41 10.44 -9.08
N TRP B 267 18.39 9.14 -9.38
CA TRP B 267 17.15 8.40 -9.27
C TRP B 267 16.74 8.42 -7.81
N MET B 268 17.70 8.14 -6.96
CA MET B 268 17.48 8.18 -5.52
C MET B 268 16.74 9.44 -5.07
N ASN B 269 17.03 10.58 -5.70
CA ASN B 269 16.52 11.83 -5.17
C ASN B 269 15.47 12.54 -5.99
N VAL B 270 15.02 11.89 -7.07
CA VAL B 270 13.88 12.40 -7.83
C VAL B 270 12.75 12.64 -6.84
N GLY B 271 12.22 13.86 -6.82
CA GLY B 271 11.11 14.18 -5.93
C GLY B 271 11.49 14.63 -4.53
N HIS B 272 12.79 14.73 -4.28
CA HIS B 272 13.30 15.17 -3.00
C HIS B 272 14.39 16.21 -3.21
N GLU B 273 14.12 17.16 -4.08
CA GLU B 273 15.18 18.05 -4.54
C GLU B 273 15.67 19.06 -3.49
N ASP B 274 14.83 19.35 -2.50
CA ASP B 274 15.31 20.08 -1.32
C ASP B 274 15.20 19.15 -0.11
N ASP B 275 15.68 17.92 -0.31
CA ASP B 275 15.60 16.86 0.69
C ASP B 275 16.46 15.65 0.27
N GLU B 276 17.72 15.93 -0.01
CA GLU B 276 18.66 14.89 -0.43
C GLU B 276 18.88 13.84 0.66
N LEU B 277 18.94 12.58 0.24
CA LEU B 277 19.23 11.49 1.14
C LEU B 277 20.65 11.60 1.70
N LYS B 278 20.78 11.49 3.02
CA LYS B 278 22.10 11.52 3.64
C LYS B 278 22.24 10.40 4.66
N PRO B 279 23.48 10.07 5.00
CA PRO B 279 23.65 9.11 6.10
C PRO B 279 22.76 9.52 7.26
N TYR B 280 22.04 8.52 7.77
CA TYR B 280 21.12 8.71 8.87
C TYR B 280 21.81 9.25 10.11
N VAL B 281 21.19 10.23 10.75
CA VAL B 281 21.69 10.67 12.05
C VAL B 281 20.78 10.20 13.15
N GLU B 282 21.38 9.46 14.08
CA GLU B 282 20.69 8.91 15.20
C GLU B 282 20.30 10.03 16.16
N PRO B 283 19.00 10.12 16.50
CA PRO B 283 18.57 11.14 17.45
C PRO B 283 19.22 10.88 18.81
N LEU B 284 19.18 11.87 19.71
CA LEU B 284 19.78 11.68 21.03
C LEU B 284 18.84 11.06 22.06
N PRO B 285 19.39 10.14 22.89
CA PRO B 285 18.70 9.29 23.87
C PRO B 285 17.80 10.05 24.84
N ASP B 286 16.53 9.67 24.90
CA ASP B 286 15.65 10.22 25.90
C ASP B 286 15.36 9.15 26.93
N TYR B 287 16.18 9.09 27.97
CA TYR B 287 15.97 8.12 29.04
C TYR B 287 15.17 8.71 30.19
N LYS B 288 14.84 9.99 30.11
CA LYS B 288 14.17 10.65 31.22
C LYS B 288 12.84 11.28 30.85
N ASP B 289 12.12 10.70 29.88
CA ASP B 289 10.80 11.22 29.60
C ASP B 289 9.96 11.14 30.88
N PRO B 290 9.50 12.29 31.38
CA PRO B 290 8.66 12.30 32.58
C PRO B 290 7.33 11.60 32.38
N ARG B 291 6.65 11.82 31.27
CA ARG B 291 5.33 11.20 31.14
C ARG B 291 5.44 9.69 31.31
N ARG B 292 6.29 9.08 30.49
CA ARG B 292 6.48 7.63 30.48
C ARG B 292 6.99 7.07 31.80
N THR B 293 7.95 7.79 32.39
CA THR B 293 8.51 7.39 33.68
C THR B 293 7.44 7.26 34.75
N GLU B 294 6.46 8.16 34.69
CA GLU B 294 5.42 8.20 35.72
C GLU B 294 4.36 7.13 35.54
N LEU B 295 4.00 6.86 34.29
CA LEU B 295 3.12 5.74 33.98
C LEU B 295 3.71 4.45 34.54
N MET B 296 5.02 4.29 34.43
CA MET B 296 5.68 3.08 34.88
C MET B 296 5.74 2.99 36.40
N VAL B 297 5.95 4.12 37.05
CA VAL B 297 5.97 4.15 38.51
C VAL B 297 4.64 3.65 39.03
N SER B 298 3.57 4.02 38.35
CA SER B 298 2.25 3.60 38.82
C SER B 298 1.91 2.17 38.37
N MET B 299 2.75 1.62 37.50
CA MET B 299 2.67 0.21 37.12
C MET B 299 3.42 -0.63 38.15
N GLY B 300 4.24 0.02 38.97
CA GLY B 300 4.97 -0.67 40.01
C GLY B 300 6.47 -0.71 39.83
N TYR B 301 6.99 0.07 38.90
CA TYR B 301 8.44 0.14 38.72
C TYR B 301 9.00 1.19 39.66
N THR B 302 10.16 0.91 40.24
CA THR B 302 10.84 1.94 41.02
C THR B 302 11.50 2.93 40.06
N ARG B 303 11.45 4.20 40.43
CA ARG B 303 12.01 5.27 39.61
C ARG B 303 13.48 4.98 39.40
N GLU B 304 14.08 4.44 40.45
CA GLU B 304 15.49 4.11 40.50
C GLU B 304 15.84 3.15 39.35
N GLU B 305 15.30 1.92 39.42
CA GLU B 305 15.53 0.89 38.41
C GLU B 305 15.16 1.30 36.98
N ILE B 306 14.20 2.21 36.84
CA ILE B 306 13.89 2.73 35.53
C ILE B 306 15.11 3.43 34.94
N GLN B 307 15.75 4.31 35.70
CA GLN B 307 16.91 5.03 35.15
C GLN B 307 18.11 4.10 34.92
N ASP B 308 18.42 3.25 35.89
CA ASP B 308 19.48 2.26 35.72
C ASP B 308 19.32 1.49 34.40
N SER B 309 18.15 0.88 34.20
CA SER B 309 17.91 0.02 33.04
C SER B 309 18.08 0.74 31.73
N LEU B 310 17.72 2.02 31.70
CA LEU B 310 17.78 2.78 30.48
C LEU B 310 19.16 3.35 30.17
N VAL B 311 19.74 4.03 31.15
CA VAL B 311 21.08 4.56 30.94
C VAL B 311 21.99 3.34 30.82
N GLY B 312 21.65 2.30 31.57
CA GLY B 312 22.38 1.05 31.54
C GLY B 312 22.20 0.24 30.27
N GLN B 313 21.22 0.65 29.46
CA GLN B 313 20.94 -0.02 28.19
C GLN B 313 20.87 -1.54 28.38
N ARG B 314 20.03 -1.97 29.33
CA ARG B 314 20.06 -3.35 29.82
C ARG B 314 19.17 -4.31 29.06
N TYR B 315 18.27 -3.77 28.26
CA TYR B 315 17.36 -4.61 27.47
C TYR B 315 16.62 -5.66 28.30
N ASN B 316 16.19 -5.21 29.48
CA ASN B 316 15.41 -6.03 30.40
C ASN B 316 13.94 -5.64 30.33
N GLU B 317 13.14 -6.23 31.19
CA GLU B 317 11.73 -5.98 31.19
C GLU B 317 11.38 -4.50 31.37
N VAL B 318 12.17 -3.80 32.18
CA VAL B 318 11.98 -2.38 32.43
C VAL B 318 12.25 -1.57 31.17
N MET B 319 13.41 -1.80 30.57
CA MET B 319 13.73 -1.16 29.31
C MET B 319 12.66 -1.42 28.25
N ALA B 320 12.16 -2.66 28.19
CA ALA B 320 11.18 -3.02 27.18
C ALA B 320 9.90 -2.20 27.32
N THR B 321 9.42 -2.10 28.56
CA THR B 321 8.22 -1.35 28.81
C THR B 321 8.38 0.10 28.39
N TYR B 322 9.49 0.71 28.78
CA TYR B 322 9.74 2.11 28.49
C TYR B 322 9.74 2.35 26.99
N LEU B 323 10.50 1.55 26.26
CA LEU B 323 10.54 1.59 24.80
C LEU B 323 9.17 1.32 24.18
N LEU B 324 8.46 0.34 24.71
CA LEU B 324 7.16 0.01 24.16
C LEU B 324 6.14 1.15 24.27
N LEU B 325 6.30 1.98 25.29
CA LEU B 325 5.39 3.10 25.54
C LEU B 325 5.61 4.26 24.56
N GLY B 326 6.61 4.12 23.70
CA GLY B 326 6.90 5.11 22.69
C GLY B 326 5.98 5.01 21.48
N TYR B 327 5.05 4.06 21.52
CA TYR B 327 4.10 3.85 20.43
C TYR B 327 2.66 4.15 20.86
C 24R C . -8.18 0.87 -1.40
C1 24R C . -8.01 1.65 -0.27
C2 24R C . -9.21 1.92 0.38
N 24R C . -10.44 1.50 0.03
C3 24R C . -10.51 0.73 -1.08
N4 24R C . -9.39 0.42 -1.78
N5 24R C . -9.66 -0.34 -2.84
C6 24R C . -11.58 0.13 -1.72
C7 24R C . -11.00 -0.52 -2.82
C8 24R C . -13.04 0.15 -1.40
C9 24R C . -13.98 -0.63 -2.07
S 24R C . -15.57 -0.34 -1.49
C10 24R C . -15.03 0.81 -0.35
C11 24R C . -13.65 0.96 -0.42
C12 24R C . -16.02 1.46 0.55
N13 24R C . -15.59 2.13 1.61
O 24R C . -17.22 1.39 0.35
C14 24R C . -6.75 2.22 0.23
C15 24R C . -5.46 2.01 -0.22
N16 24R C . -4.67 2.79 0.56
N17 24R C . -5.34 3.50 1.48
C18 24R C . -6.61 3.15 1.25
C19 24R C . -3.23 2.93 0.51
C20 24R C . -16.49 2.62 2.65
C21 24R C . -16.47 4.16 2.81
N22 24R C . -16.36 4.84 1.49
C23 24R C . -16.16 1.89 3.95
C24 24R C . -14.90 2.44 4.64
C25 24R C . -15.11 3.90 4.94
C26 24R C . -15.33 4.71 3.66
C 24R D . 6.34 -9.96 11.10
C1 24R D . 6.09 -11.06 10.29
C2 24R D . 7.13 -11.95 10.26
N 24R D . 8.30 -11.84 10.93
C3 24R D . 8.46 -10.73 11.70
N4 24R D . 7.49 -9.81 11.79
N5 24R D . 7.81 -8.80 12.60
C6 24R D . 9.50 -10.31 12.51
C7 24R D . 9.04 -9.09 13.03
C8 24R D . 10.83 -10.92 12.78
C9 24R D . 11.75 -10.39 13.68
S 24R D . 13.18 -11.33 13.76
C10 24R D . 12.62 -12.43 12.56
C11 24R D . 11.33 -12.07 12.15
C12 24R D . 13.47 -13.57 12.15
N13 24R D . 13.04 -14.40 11.19
O 24R D . 14.57 -13.76 12.67
C14 24R D . 4.84 -11.27 9.51
C15 24R D . 3.66 -10.57 9.62
N16 24R D . 2.82 -11.12 8.71
N17 24R D . 3.35 -12.12 8.01
C18 24R D . 4.61 -12.20 8.50
C19 24R D . 1.43 -10.71 8.46
C20 24R D . 13.79 -15.60 10.86
C21 24R D . 13.70 -16.02 9.38
N22 24R D . 14.22 -14.95 8.46
C23 24R D . 13.34 -16.75 11.76
C24 24R D . 12.02 -17.42 11.36
C25 24R D . 11.82 -17.62 9.85
C26 24R D . 12.31 -16.46 8.96
#